data_9KLC
#
_entry.id   9KLC
#
_cell.length_a   56.714
_cell.length_b   78.066
_cell.length_c   70.583
_cell.angle_alpha   90.00
_cell.angle_beta   91.30
_cell.angle_gamma   90.00
#
_symmetry.space_group_name_H-M   'P 1 21 1'
#
loop_
_entity.id
_entity.type
_entity.pdbx_description
1 polymer 'Histone-lysine N-methyltransferase EHMT2'
2 non-polymer 'ZINC ION'
3 non-polymer SINEFUNGIN
4 non-polymer ~{N}-[(2~{S})-1-[[6-(1-methylpiperidin-4-yl)oxypyridin-3-yl]amino]-1-oxidanylidene-hexan-2-yl]-3-(pyridin-4-ylamino)benzamide
5 water water
#
_entity_poly.entity_id   1
_entity_poly.type   'polypeptide(L)'
_entity_poly.pdbx_seq_one_letter_code
;GSNRAIRTEKIICRDVARGYENVPIPCVNGVDGEPCPEDYKYISENCETSTMNIDRNITHLQHCTCVDDCSSSNCLCGQL
SIRCWYDKDGRLLQEFNKIEPPLIFECNQACSCWRNCKNRVVQSGIKVRLQLYRTAKMGWGVRALQTIPQGTFICEYVGE
LISDAEADVREDDSYLFDLDNKDGEVYCIDARYYGNISRFINHLCDPNIIPVRVFMLHQDLRFPRIAFFSSRDIRTGEEL
GFDYGDRFWDIKSKYFTCQCGSEKCKHSAEAIALEQSRLARLD
;
_entity_poly.pdbx_strand_id   A,B
#
# COMPACT_ATOMS: atom_id res chain seq x y z
N THR A 8 34.62 5.00 -19.24
CA THR A 8 33.42 4.58 -19.97
C THR A 8 32.26 4.18 -19.05
N GLU A 9 31.13 4.85 -19.21
CA GLU A 9 29.96 4.59 -18.40
C GLU A 9 29.18 3.42 -18.97
N LYS A 10 28.80 2.49 -18.11
CA LYS A 10 27.96 1.35 -18.47
C LYS A 10 26.72 1.37 -17.60
N ILE A 11 25.66 0.74 -18.06
CA ILE A 11 24.44 0.58 -17.27
C ILE A 11 24.36 -0.87 -16.84
N ILE A 12 24.27 -1.08 -15.52
CA ILE A 12 24.37 -2.41 -14.94
C ILE A 12 23.09 -2.85 -14.32
N CYS A 13 22.07 -2.00 -14.33
CA CYS A 13 20.74 -2.41 -13.91
C CYS A 13 19.77 -1.39 -14.48
N ARG A 14 18.66 -1.87 -15.04
CA ARG A 14 17.68 -0.94 -15.58
C ARG A 14 16.83 -0.33 -14.46
N ASP A 15 16.49 -1.10 -13.42
CA ASP A 15 15.68 -0.59 -12.31
C ASP A 15 16.03 -1.35 -11.04
N VAL A 16 16.84 -0.73 -10.16
CA VAL A 16 17.19 -1.42 -8.92
C VAL A 16 15.98 -1.75 -8.08
N ALA A 17 14.87 -1.06 -8.28
CA ALA A 17 13.64 -1.27 -7.52
C ALA A 17 12.75 -2.33 -8.14
N ARG A 18 13.03 -2.76 -9.36
CA ARG A 18 12.33 -3.90 -9.99
C ARG A 18 10.86 -3.58 -10.22
N GLY A 19 10.59 -2.36 -10.70
CA GLY A 19 9.23 -1.93 -10.92
C GLY A 19 8.44 -1.54 -9.67
N TYR A 20 9.03 -1.61 -8.46
CA TYR A 20 8.28 -1.30 -7.25
C TYR A 20 8.04 0.19 -7.01
N GLU A 21 8.76 1.08 -7.69
CA GLU A 21 8.52 2.51 -7.55
C GLU A 21 7.72 3.02 -8.75
N ASN A 22 7.22 4.27 -8.64
CA ASN A 22 6.51 4.88 -9.76
C ASN A 22 7.38 5.07 -10.99
N VAL A 23 8.71 5.05 -10.83
CA VAL A 23 9.65 5.29 -11.92
C VAL A 23 10.85 4.37 -11.76
N PRO A 24 11.51 4.02 -12.84
CA PRO A 24 12.73 3.21 -12.75
C PRO A 24 13.88 3.99 -12.15
N ILE A 25 14.70 3.28 -11.38
CA ILE A 25 15.92 3.82 -10.78
C ILE A 25 17.12 3.02 -11.30
N PRO A 26 17.73 3.43 -12.41
CA PRO A 26 18.80 2.64 -13.00
C PRO A 26 20.11 2.83 -12.25
N CYS A 27 21.05 1.94 -12.52
CA CYS A 27 22.39 1.99 -11.95
C CYS A 27 23.43 2.01 -13.05
N VAL A 28 24.33 2.99 -13.01
CA VAL A 28 25.46 3.06 -13.93
C VAL A 28 26.77 3.08 -13.15
N ASN A 29 27.86 2.69 -13.84
CA ASN A 29 29.22 2.80 -13.31
C ASN A 29 30.17 3.14 -14.46
N GLY A 30 30.82 4.30 -14.37
CA GLY A 30 31.93 4.65 -15.24
C GLY A 30 33.20 4.97 -14.47
N VAL A 31 33.40 4.32 -13.31
CA VAL A 31 34.48 4.64 -12.39
C VAL A 31 35.46 3.47 -12.24
N ASP A 32 34.95 2.27 -11.98
CA ASP A 32 35.77 1.07 -11.79
C ASP A 32 34.92 -0.15 -12.18
N GLY A 33 35.35 -1.33 -11.74
CA GLY A 33 34.70 -2.59 -12.10
C GLY A 33 33.68 -3.12 -11.11
N GLU A 34 33.26 -2.32 -10.16
CA GLU A 34 32.27 -2.81 -9.20
C GLU A 34 30.94 -3.05 -9.90
N PRO A 35 30.40 -4.27 -9.87
CA PRO A 35 29.11 -4.54 -10.51
C PRO A 35 27.99 -4.00 -9.65
N CYS A 36 26.76 -4.18 -10.12
CA CYS A 36 25.59 -3.69 -9.41
C CYS A 36 25.54 -4.28 -8.01
N PRO A 37 25.41 -3.46 -6.98
CA PRO A 37 25.37 -4.00 -5.62
C PRO A 37 24.11 -4.81 -5.42
N GLU A 38 24.27 -6.02 -4.88
CA GLU A 38 23.14 -6.91 -4.65
C GLU A 38 23.28 -7.63 -3.32
N ASP A 39 23.96 -7.00 -2.36
CA ASP A 39 24.14 -7.53 -1.01
C ASP A 39 23.07 -6.99 -0.04
N TYR A 40 21.85 -6.81 -0.52
CA TYR A 40 20.71 -6.27 0.23
C TYR A 40 19.46 -6.55 -0.58
N LYS A 41 18.35 -6.74 0.09
CA LYS A 41 17.06 -6.80 -0.61
C LYS A 41 16.54 -5.38 -0.77
N TYR A 42 16.26 -4.97 -2.01
CA TYR A 42 15.52 -3.72 -2.25
C TYR A 42 14.06 -3.89 -1.80
N ILE A 43 13.56 -2.94 -1.01
CA ILE A 43 12.15 -2.89 -0.63
C ILE A 43 11.62 -1.47 -0.81
N SER A 44 10.43 -1.33 -1.42
CA SER A 44 9.85 0.00 -1.58
C SER A 44 9.30 0.57 -0.27
N GLU A 45 8.85 -0.29 0.65
CA GLU A 45 8.25 0.12 1.91
C GLU A 45 8.92 -0.58 3.08
N ASN A 46 8.96 0.10 4.22
CA ASN A 46 9.55 -0.47 5.42
C ASN A 46 8.98 -1.86 5.73
N CYS A 47 9.85 -2.71 6.30
CA CYS A 47 9.55 -4.09 6.63
C CYS A 47 9.79 -4.31 8.12
N GLU A 48 9.29 -5.44 8.64
CA GLU A 48 9.47 -5.79 10.06
C GLU A 48 10.06 -7.20 10.15
N THR A 49 11.07 -7.37 11.00
CA THR A 49 11.63 -8.69 11.24
C THR A 49 11.29 -9.24 12.62
N SER A 50 10.46 -8.55 13.40
CA SER A 50 9.91 -9.06 14.64
C SER A 50 8.64 -8.27 14.91
N THR A 51 7.95 -8.61 16.00
CA THR A 51 6.65 -8.00 16.28
C THR A 51 6.82 -6.56 16.80
N MET A 52 6.36 -5.57 16.02
CA MET A 52 6.46 -4.17 16.44
C MET A 52 5.16 -3.62 17.05
N ASN A 53 4.02 -4.29 16.88
CA ASN A 53 2.75 -3.84 17.46
C ASN A 53 2.45 -2.37 17.12
N ILE A 54 2.59 -2.04 15.84
CA ILE A 54 2.22 -0.70 15.38
C ILE A 54 0.71 -0.54 15.49
N ASP A 55 0.27 0.50 16.21
CA ASP A 55 -1.15 0.82 16.34
C ASP A 55 -1.70 1.20 14.96
N ARG A 56 -2.42 0.27 14.33
CA ARG A 56 -3.07 0.52 13.05
C ARG A 56 -4.59 0.61 13.18
N ASN A 57 -5.10 0.77 14.41
CA ASN A 57 -6.54 0.91 14.62
C ASN A 57 -7.09 2.12 13.86
N ILE A 58 -7.88 1.88 12.82
CA ILE A 58 -8.45 2.99 12.06
C ILE A 58 -9.18 3.97 12.97
N THR A 59 -9.81 3.50 14.05
CA THR A 59 -10.54 4.45 14.89
C THR A 59 -9.62 5.35 15.69
N HIS A 60 -8.30 5.09 15.70
CA HIS A 60 -7.40 5.99 16.40
C HIS A 60 -6.83 7.05 15.47
N LEU A 61 -7.10 6.96 14.16
CA LEU A 61 -6.66 8.00 13.24
C LEU A 61 -7.34 9.32 13.55
N GLN A 62 -6.54 10.36 13.73
CA GLN A 62 -7.05 11.73 13.66
C GLN A 62 -7.19 12.09 12.18
N HIS A 63 -8.40 12.46 11.77
CA HIS A 63 -8.73 12.69 10.36
C HIS A 63 -9.46 14.02 10.19
N CYS A 64 -9.60 14.46 8.94
CA CYS A 64 -10.20 15.75 8.63
C CYS A 64 -11.54 15.57 7.92
N THR A 65 -12.33 16.65 7.92
CA THR A 65 -13.68 16.63 7.38
C THR A 65 -13.82 17.48 6.13
N CYS A 66 -12.72 17.91 5.54
CA CYS A 66 -12.76 18.73 4.33
C CYS A 66 -13.41 17.98 3.18
N VAL A 67 -13.98 18.74 2.26
CA VAL A 67 -14.56 18.23 1.03
C VAL A 67 -13.85 18.86 -0.15
N ASP A 68 -13.29 20.07 0.03
CA ASP A 68 -12.47 20.66 -1.03
C ASP A 68 -11.15 19.91 -1.11
N ASP A 69 -10.06 20.59 -1.51
CA ASP A 69 -8.78 19.93 -1.67
C ASP A 69 -7.91 20.05 -0.42
N CYS A 70 -8.51 20.32 0.73
CA CYS A 70 -7.81 20.52 1.99
C CYS A 70 -6.73 21.60 1.86
N SER A 71 -7.10 22.75 1.29
CA SER A 71 -6.20 23.90 1.25
C SER A 71 -6.57 25.00 2.23
N SER A 72 -7.63 24.82 3.02
CA SER A 72 -8.04 25.82 3.98
C SER A 72 -7.39 25.56 5.33
N SER A 73 -7.66 26.45 6.29
CA SER A 73 -7.09 26.32 7.61
C SER A 73 -7.94 25.47 8.56
N ASN A 74 -9.12 25.04 8.14
CA ASN A 74 -9.93 24.13 8.95
C ASN A 74 -9.62 22.68 8.68
N CYS A 75 -8.56 22.40 7.93
CA CYS A 75 -8.11 21.04 7.74
C CYS A 75 -7.42 20.59 9.01
N LEU A 76 -8.04 19.66 9.74
CA LEU A 76 -7.44 19.29 11.02
C LEU A 76 -6.07 18.66 10.81
N CYS A 77 -5.87 17.97 9.69
CA CYS A 77 -4.58 17.33 9.43
C CYS A 77 -3.49 18.35 9.15
N GLY A 78 -3.87 19.52 8.66
CA GLY A 78 -2.92 20.62 8.59
C GLY A 78 -2.63 21.20 9.96
N GLN A 79 -3.65 21.27 10.82
CA GLN A 79 -3.45 21.80 12.16
C GLN A 79 -2.52 20.92 12.97
N LEU A 80 -2.67 19.59 12.83
CA LEU A 80 -1.76 18.67 13.50
C LEU A 80 -0.31 18.95 13.11
N SER A 81 -0.10 19.45 11.89
CA SER A 81 1.23 19.74 11.38
C SER A 81 1.59 21.21 11.52
N ILE A 82 0.91 21.94 12.42
CA ILE A 82 0.92 23.40 12.52
C ILE A 82 0.11 23.98 11.36
N ARG A 83 0.60 23.79 10.15
CA ARG A 83 -0.17 24.05 8.94
C ARG A 83 0.25 23.02 7.91
N CYS A 84 -0.56 22.86 6.89
CA CYS A 84 -0.10 22.14 5.71
C CYS A 84 1.04 22.94 5.07
N TRP A 85 2.22 22.34 5.01
CA TRP A 85 3.42 23.00 4.49
C TRP A 85 3.59 22.79 2.98
N TYR A 86 2.68 22.08 2.34
CA TYR A 86 2.76 21.83 0.91
C TYR A 86 2.14 22.98 0.15
N ASP A 87 2.82 23.46 -0.88
CA ASP A 87 2.21 24.42 -1.78
C ASP A 87 1.45 23.67 -2.87
N LYS A 88 0.76 24.41 -3.74
CA LYS A 88 -0.13 23.80 -4.73
C LYS A 88 0.57 22.77 -5.61
N ASP A 89 1.90 22.84 -5.72
CA ASP A 89 2.66 21.89 -6.53
C ASP A 89 3.36 20.81 -5.69
N GLY A 90 2.82 20.47 -4.53
CA GLY A 90 3.41 19.44 -3.70
C GLY A 90 4.70 19.81 -2.98
N ARG A 91 5.26 20.98 -3.25
CA ARG A 91 6.53 21.40 -2.67
C ARG A 91 6.34 22.10 -1.33
N LEU A 92 7.31 21.90 -0.44
CA LEU A 92 7.31 22.60 0.83
C LEU A 92 7.43 24.10 0.60
N LEU A 93 6.80 24.87 1.50
CA LEU A 93 6.91 26.31 1.44
C LEU A 93 8.34 26.74 1.74
N GLN A 94 8.71 27.90 1.20
CA GLN A 94 10.04 28.44 1.42
C GLN A 94 10.32 28.66 2.90
N GLU A 95 9.29 29.05 3.66
CA GLU A 95 9.43 29.37 5.06
C GLU A 95 9.51 28.13 5.97
N PHE A 96 9.50 26.93 5.39
CA PHE A 96 9.49 25.70 6.18
C PHE A 96 10.76 25.59 7.02
N ASN A 97 10.58 25.38 8.33
CA ASN A 97 11.69 25.25 9.26
C ASN A 97 12.55 24.06 8.88
N LYS A 98 13.70 24.33 8.26
CA LYS A 98 14.51 23.24 7.71
C LYS A 98 15.45 22.63 8.74
N ILE A 99 15.97 23.44 9.66
CA ILE A 99 16.81 22.91 10.74
C ILE A 99 16.01 21.92 11.57
N GLU A 100 14.91 22.38 12.16
CA GLU A 100 14.06 21.56 13.02
C GLU A 100 12.67 21.50 12.40
N PRO A 101 12.43 20.55 11.50
CA PRO A 101 11.10 20.46 10.89
C PRO A 101 10.05 20.10 11.91
N PRO A 102 8.80 20.52 11.70
CA PRO A 102 7.69 20.01 12.51
C PRO A 102 7.14 18.73 11.92
N LEU A 103 6.58 17.89 12.79
CA LEU A 103 5.99 16.65 12.29
C LEU A 103 4.92 16.97 11.25
N ILE A 104 4.80 16.10 10.24
CA ILE A 104 3.85 16.30 9.15
C ILE A 104 2.81 15.20 9.20
N PHE A 105 1.54 15.59 9.33
CA PHE A 105 0.40 14.67 9.32
C PHE A 105 -0.34 14.83 8.00
N GLU A 106 -0.10 13.88 7.09
CA GLU A 106 -0.78 13.82 5.81
C GLU A 106 -2.16 13.18 5.99
N CYS A 107 -3.08 13.53 5.10
CA CYS A 107 -4.45 13.03 5.16
C CYS A 107 -4.45 11.53 4.88
N ASN A 108 -5.44 10.81 5.41
CA ASN A 108 -5.40 9.34 5.45
C ASN A 108 -6.74 8.75 5.02
N GLN A 109 -6.85 7.42 5.14
CA GLN A 109 -8.06 6.71 4.73
C GLN A 109 -9.24 6.94 5.67
N ALA A 110 -9.09 7.66 6.77
CA ALA A 110 -10.27 8.05 7.55
C ALA A 110 -10.74 9.46 7.22
N CYS A 111 -9.92 10.25 6.52
CA CYS A 111 -10.36 11.56 6.09
C CYS A 111 -11.53 11.44 5.13
N SER A 112 -12.43 12.41 5.19
CA SER A 112 -13.51 12.47 4.22
C SER A 112 -13.04 13.01 2.88
N CYS A 113 -11.88 13.65 2.83
CA CYS A 113 -11.33 14.23 1.61
C CYS A 113 -11.04 13.14 0.58
N TRP A 114 -10.63 13.54 -0.62
CA TRP A 114 -10.28 12.56 -1.63
C TRP A 114 -8.80 12.21 -1.56
N ARG A 115 -8.45 11.08 -2.19
CA ARG A 115 -7.07 10.61 -2.24
C ARG A 115 -6.14 11.54 -3.01
N ASN A 116 -6.65 12.55 -3.73
CA ASN A 116 -5.80 13.44 -4.53
C ASN A 116 -5.76 14.86 -3.99
N CYS A 117 -5.89 15.04 -2.68
CA CYS A 117 -5.91 16.35 -2.07
C CYS A 117 -4.48 16.87 -1.87
N LYS A 118 -4.39 18.13 -1.42
CA LYS A 118 -3.09 18.79 -1.36
C LYS A 118 -2.17 18.25 -0.26
N ASN A 119 -2.65 17.34 0.59
CA ASN A 119 -1.88 16.88 1.74
C ASN A 119 -1.53 15.41 1.56
N ARG A 120 -0.97 15.05 0.40
CA ARG A 120 -0.71 13.64 0.11
C ARG A 120 0.58 13.48 -0.72
N VAL A 121 1.62 14.25 -0.37
CA VAL A 121 2.84 14.24 -1.17
C VAL A 121 3.61 12.94 -0.95
N VAL A 122 4.08 12.72 0.28
CA VAL A 122 5.02 11.64 0.50
C VAL A 122 4.37 10.30 0.19
N GLN A 123 3.12 10.12 0.62
CA GLN A 123 2.39 8.88 0.33
C GLN A 123 2.20 8.64 -1.16
N SER A 124 2.43 9.63 -2.02
CA SER A 124 2.28 9.43 -3.44
C SER A 124 3.53 8.88 -4.13
N GLY A 125 4.67 8.81 -3.44
CA GLY A 125 5.83 8.12 -3.98
C GLY A 125 6.79 9.01 -4.78
N ILE A 126 7.85 8.34 -5.25
CA ILE A 126 8.94 9.03 -5.94
C ILE A 126 8.44 9.56 -7.28
N LYS A 127 8.73 10.82 -7.56
CA LYS A 127 8.36 11.42 -8.82
C LYS A 127 9.53 11.95 -9.61
N VAL A 128 10.57 12.46 -8.96
CA VAL A 128 11.75 12.93 -9.69
C VAL A 128 12.53 11.73 -10.22
N ARG A 129 13.31 11.97 -11.26
CA ARG A 129 14.12 10.93 -11.86
C ARG A 129 15.47 10.90 -11.15
N LEU A 130 15.83 9.72 -10.62
CA LEU A 130 17.03 9.52 -9.83
C LEU A 130 17.87 8.39 -10.44
N GLN A 131 19.17 8.43 -10.19
CA GLN A 131 20.06 7.41 -10.71
C GLN A 131 21.06 6.94 -9.66
N LEU A 132 21.17 5.63 -9.49
CA LEU A 132 22.29 5.06 -8.74
C LEU A 132 23.54 5.10 -9.61
N TYR A 133 24.60 5.75 -9.12
CA TYR A 133 25.86 5.74 -9.85
C TYR A 133 27.04 5.53 -8.90
N ARG A 134 28.19 5.20 -9.50
CA ARG A 134 29.43 4.97 -8.78
C ARG A 134 30.20 6.28 -8.65
N THR A 135 30.39 6.75 -7.42
CA THR A 135 31.12 8.00 -7.22
C THR A 135 32.63 7.76 -7.25
N ALA A 136 33.38 8.87 -7.30
CA ALA A 136 34.84 8.78 -7.37
C ALA A 136 35.44 8.25 -6.07
N LYS A 137 34.82 8.55 -4.93
CA LYS A 137 35.43 8.27 -3.64
C LYS A 137 34.50 7.66 -2.61
N MET A 138 33.18 7.72 -2.77
CA MET A 138 32.22 7.34 -1.73
C MET A 138 31.47 6.06 -2.07
N GLY A 139 32.07 5.15 -2.80
CA GLY A 139 31.29 4.02 -3.27
C GLY A 139 30.14 4.47 -4.14
N TRP A 140 28.96 3.91 -3.91
CA TRP A 140 27.77 4.28 -4.68
C TRP A 140 27.10 5.53 -4.10
N GLY A 141 26.47 6.29 -4.99
CA GLY A 141 25.65 7.41 -4.61
C GLY A 141 24.40 7.48 -5.46
N VAL A 142 23.55 8.46 -5.14
CA VAL A 142 22.32 8.71 -5.88
C VAL A 142 22.40 10.11 -6.45
N ARG A 143 22.31 10.23 -7.78
CA ARG A 143 22.38 11.53 -8.40
C ARG A 143 21.04 11.86 -9.07
N ALA A 144 20.75 13.16 -9.14
CA ALA A 144 19.57 13.62 -9.85
C ALA A 144 19.76 13.59 -11.35
N LEU A 145 18.70 13.22 -12.06
CA LEU A 145 18.67 13.17 -13.51
C LEU A 145 17.98 14.37 -14.11
N GLN A 146 17.64 15.37 -13.30
CA GLN A 146 16.77 16.46 -13.71
C GLN A 146 16.92 17.63 -12.73
N THR A 147 16.53 18.80 -13.19
CA THR A 147 16.38 19.93 -12.28
C THR A 147 15.29 19.63 -11.25
N ILE A 148 15.56 19.96 -9.99
CA ILE A 148 14.68 19.67 -8.87
C ILE A 148 14.58 20.93 -8.04
N PRO A 149 13.45 21.62 -8.07
CA PRO A 149 13.29 22.83 -7.26
C PRO A 149 13.20 22.49 -5.79
N GLN A 150 13.58 23.48 -4.98
CA GLN A 150 13.53 23.37 -3.52
C GLN A 150 12.12 23.02 -3.06
N GLY A 151 12.02 22.13 -2.08
CA GLY A 151 10.76 21.74 -1.51
C GLY A 151 10.17 20.48 -2.09
N THR A 152 10.64 20.04 -3.25
CA THR A 152 10.21 18.79 -3.86
C THR A 152 10.56 17.59 -2.98
N PHE A 153 9.59 16.69 -2.82
CA PHE A 153 9.86 15.39 -2.20
C PHE A 153 10.72 14.54 -3.10
N ILE A 154 11.71 13.84 -2.52
CA ILE A 154 12.67 13.03 -3.26
C ILE A 154 12.37 11.55 -3.11
N CYS A 155 12.58 11.03 -1.91
CA CYS A 155 12.35 9.62 -1.63
C CYS A 155 12.18 9.46 -0.12
N GLU A 156 11.72 8.28 0.27
CA GLU A 156 11.60 7.92 1.67
C GLU A 156 12.82 7.08 2.09
N TYR A 157 13.31 7.28 3.30
CA TYR A 157 14.31 6.39 3.88
C TYR A 157 13.64 5.09 4.30
N VAL A 158 13.79 4.04 3.49
CA VAL A 158 13.10 2.78 3.73
C VAL A 158 14.11 1.73 4.16
N GLY A 159 13.72 0.95 5.16
CA GLY A 159 14.55 -0.18 5.55
C GLY A 159 13.85 -1.03 6.58
N GLU A 160 14.63 -1.63 7.45
CA GLU A 160 14.14 -2.58 8.43
C GLU A 160 13.91 -1.85 9.75
N LEU A 161 12.70 -1.95 10.27
CA LEU A 161 12.40 -1.38 11.58
C LEU A 161 12.97 -2.31 12.65
N ILE A 162 13.81 -1.75 13.51
CA ILE A 162 14.40 -2.50 14.61
C ILE A 162 14.29 -1.66 15.87
N SER A 163 14.47 -2.31 17.01
CA SER A 163 14.40 -1.60 18.27
C SER A 163 15.74 -0.94 18.56
N ASP A 164 15.78 -0.19 19.66
CA ASP A 164 17.02 0.45 20.07
C ASP A 164 18.02 -0.58 20.56
N ALA A 165 17.56 -1.61 21.26
CA ALA A 165 18.45 -2.66 21.71
C ALA A 165 19.02 -3.45 20.53
N GLU A 166 18.19 -3.72 19.52
CA GLU A 166 18.68 -4.43 18.34
C GLU A 166 19.77 -3.63 17.64
N ALA A 167 19.55 -2.34 17.43
CA ALA A 167 20.56 -1.49 16.81
C ALA A 167 21.89 -1.52 17.56
N ASP A 168 21.90 -1.90 18.84
CA ASP A 168 23.15 -2.02 19.61
C ASP A 168 24.01 -3.16 19.07
N VAL A 169 23.39 -4.31 18.83
CA VAL A 169 24.09 -5.54 18.46
C VAL A 169 24.23 -5.65 16.96
N ARG A 170 23.92 -4.56 16.24
CA ARG A 170 24.08 -4.53 14.80
C ARG A 170 25.51 -4.10 14.50
N GLU A 171 26.30 -5.01 13.91
CA GLU A 171 27.73 -4.71 13.72
C GLU A 171 27.93 -3.67 12.63
N ASP A 172 27.25 -3.82 11.49
CA ASP A 172 27.46 -2.96 10.33
C ASP A 172 26.42 -1.85 10.38
N ASP A 173 26.74 -0.79 11.14
CA ASP A 173 25.83 0.34 11.30
C ASP A 173 26.08 1.44 10.29
N SER A 174 26.22 1.10 9.00
CA SER A 174 26.45 2.08 7.95
C SER A 174 25.19 2.41 7.16
N TYR A 175 24.03 1.95 7.63
CA TYR A 175 22.74 2.17 6.97
C TYR A 175 21.66 2.40 8.02
N LEU A 176 22.08 2.81 9.21
CA LEU A 176 21.25 2.87 10.41
C LEU A 176 20.81 4.31 10.63
N PHE A 177 19.51 4.57 10.57
CA PHE A 177 18.91 5.89 10.73
C PHE A 177 18.12 5.97 12.04
N ASP A 178 18.28 7.09 12.77
CA ASP A 178 17.64 7.31 14.06
C ASP A 178 16.32 8.08 13.90
N LEU A 179 15.21 7.46 14.30
CA LEU A 179 13.95 8.22 14.37
C LEU A 179 13.95 9.15 15.60
N ASP A 180 14.34 8.62 16.77
CA ASP A 180 14.58 9.34 18.02
C ASP A 180 13.30 9.72 18.77
N ASN A 181 13.28 9.44 20.08
CA ASN A 181 12.16 9.78 20.95
C ASN A 181 12.59 9.81 22.41
N GLY A 184 9.78 8.81 24.18
CA GLY A 184 9.93 7.74 25.14
C GLY A 184 10.58 6.48 24.59
N GLU A 185 9.88 5.78 23.70
CA GLU A 185 10.38 4.56 23.09
C GLU A 185 11.11 4.88 21.81
N VAL A 186 12.26 4.25 21.62
CA VAL A 186 13.22 4.62 20.59
C VAL A 186 13.34 3.49 19.59
N TYR A 187 13.14 3.80 18.31
CA TYR A 187 13.25 2.80 17.25
C TYR A 187 14.19 3.27 16.14
N CYS A 188 14.56 2.34 15.26
CA CYS A 188 15.53 2.61 14.21
C CYS A 188 15.07 2.02 12.88
N ILE A 189 15.61 2.57 11.79
CA ILE A 189 15.44 2.00 10.46
C ILE A 189 16.82 1.49 10.03
N ASP A 190 16.98 0.18 9.95
CA ASP A 190 18.22 -0.38 9.46
C ASP A 190 18.03 -0.77 8.01
N ALA A 191 18.62 0.01 7.11
CA ALA A 191 18.57 -0.25 5.68
C ALA A 191 19.71 -1.16 5.19
N ARG A 192 20.46 -1.77 6.10
CA ARG A 192 21.61 -2.60 5.70
C ARG A 192 21.16 -3.85 4.96
N TYR A 193 20.26 -4.63 5.55
CA TYR A 193 19.77 -5.84 4.93
C TYR A 193 18.54 -5.62 4.07
N TYR A 194 17.72 -4.62 4.41
CA TYR A 194 16.51 -4.29 3.68
C TYR A 194 16.49 -2.78 3.50
N GLY A 195 16.40 -2.32 2.26
CA GLY A 195 16.49 -0.90 2.02
C GLY A 195 15.94 -0.52 0.67
N ASN A 196 15.65 0.76 0.53
CA ASN A 196 15.29 1.31 -0.78
C ASN A 196 16.48 2.09 -1.33
N ILE A 197 16.22 3.04 -2.23
CA ILE A 197 17.30 3.76 -2.88
C ILE A 197 17.99 4.70 -1.90
N SER A 198 17.27 5.14 -0.86
CA SER A 198 17.81 6.03 0.17
C SER A 198 19.10 5.53 0.82
N ARG A 199 19.25 4.22 0.96
CA ARG A 199 20.42 3.74 1.68
C ARG A 199 21.73 4.12 0.98
N PHE A 200 21.67 4.54 -0.28
CA PHE A 200 22.85 4.93 -1.05
C PHE A 200 23.15 6.41 -1.03
N ILE A 201 22.26 7.21 -0.45
CA ILE A 201 22.48 8.65 -0.34
C ILE A 201 23.61 8.90 0.65
N ASN A 202 24.69 9.50 0.16
CA ASN A 202 25.85 9.76 0.99
C ASN A 202 25.64 10.98 1.87
N HIS A 203 26.60 11.21 2.75
CA HIS A 203 26.58 12.35 3.65
C HIS A 203 27.32 13.51 2.99
N LEU A 204 26.71 14.70 3.04
CA LEU A 204 27.36 15.92 2.56
C LEU A 204 27.37 16.95 3.67
N CYS A 205 28.54 17.52 3.94
CA CYS A 205 28.63 18.58 4.94
C CYS A 205 27.80 19.80 4.54
N ASP A 206 27.57 20.00 3.25
CA ASP A 206 26.69 21.04 2.74
C ASP A 206 25.48 20.38 2.09
N PRO A 207 24.56 19.83 2.87
CA PRO A 207 23.49 19.00 2.31
C PRO A 207 22.56 19.78 1.40
N ASN A 208 21.91 19.04 0.50
CA ASN A 208 20.87 19.58 -0.35
C ASN A 208 19.55 18.86 -0.19
N ILE A 209 19.43 17.96 0.79
CA ILE A 209 18.15 17.35 1.16
C ILE A 209 18.08 17.27 2.68
N ILE A 210 16.86 17.30 3.20
CA ILE A 210 16.68 17.16 4.65
C ILE A 210 15.63 16.10 4.94
N PRO A 211 15.75 15.39 6.06
CA PRO A 211 14.71 14.42 6.42
C PRO A 211 13.60 15.08 7.23
N VAL A 212 12.37 14.65 6.96
CA VAL A 212 11.18 15.10 7.67
C VAL A 212 10.45 13.86 8.17
N ARG A 213 9.92 13.95 9.40
CA ARG A 213 9.14 12.86 9.97
C ARG A 213 7.69 13.04 9.56
N VAL A 214 7.12 12.01 8.93
CA VAL A 214 5.78 12.09 8.37
C VAL A 214 4.93 10.95 8.90
N PHE A 215 3.61 11.17 8.91
CA PHE A 215 2.63 10.17 9.28
C PHE A 215 1.57 10.08 8.19
N MET A 216 1.21 8.86 7.83
CA MET A 216 0.33 8.66 6.70
C MET A 216 -0.76 7.64 7.03
N LEU A 217 -0.50 6.35 6.84
CA LEU A 217 -1.59 5.40 7.04
C LEU A 217 -1.83 5.08 8.52
N HIS A 218 -0.86 5.36 9.39
CA HIS A 218 -1.02 5.21 10.84
C HIS A 218 -0.45 6.43 11.52
N GLN A 219 -0.82 6.64 12.76
CA GLN A 219 -0.25 7.77 13.49
C GLN A 219 0.38 7.29 14.78
N ASP A 220 1.07 6.14 14.72
CA ASP A 220 1.78 5.62 15.89
C ASP A 220 3.07 6.40 16.02
N LEU A 221 3.15 7.24 17.06
CA LEU A 221 4.22 8.23 17.15
C LEU A 221 5.60 7.63 17.30
N ARG A 222 5.71 6.32 17.53
CA ARG A 222 7.01 5.68 17.64
C ARG A 222 7.58 5.31 16.27
N PHE A 223 6.81 5.50 15.20
CA PHE A 223 7.20 5.05 13.86
C PHE A 223 6.89 6.11 12.81
N PRO A 224 7.48 7.30 12.93
CA PRO A 224 7.47 8.21 11.80
C PRO A 224 8.19 7.59 10.62
N ARG A 225 7.76 7.98 9.43
CA ARG A 225 8.38 7.60 8.18
C ARG A 225 9.25 8.77 7.72
N ILE A 226 10.43 8.47 7.20
CA ILE A 226 11.45 9.48 6.94
C ILE A 226 11.36 9.90 5.47
N ALA A 227 10.97 11.15 5.25
CA ALA A 227 10.82 11.70 3.90
C ALA A 227 11.90 12.73 3.65
N PHE A 228 12.54 12.64 2.51
CA PHE A 228 13.57 13.58 2.12
C PHE A 228 12.98 14.64 1.21
N PHE A 229 13.34 15.89 1.47
CA PHE A 229 12.97 17.02 0.64
C PHE A 229 14.23 17.82 0.36
N SER A 230 14.30 18.42 -0.83
CA SER A 230 15.40 19.29 -1.17
C SER A 230 15.39 20.56 -0.32
N SER A 231 16.50 20.85 0.34
CA SER A 231 16.60 22.08 1.11
C SER A 231 16.96 23.28 0.25
N ARG A 232 17.18 23.05 -1.06
CA ARG A 232 17.55 24.07 -2.01
C ARG A 232 17.23 23.55 -3.40
N ASP A 233 17.43 24.40 -4.41
CA ASP A 233 17.36 23.97 -5.80
C ASP A 233 18.49 23.00 -6.12
N ILE A 234 18.15 21.91 -6.82
CA ILE A 234 19.13 20.88 -7.17
C ILE A 234 19.32 20.87 -8.68
N ARG A 235 20.57 21.10 -9.12
CA ARG A 235 20.91 21.14 -10.52
C ARG A 235 20.96 19.73 -11.11
N THR A 236 20.88 19.67 -12.44
CA THR A 236 20.89 18.39 -13.14
C THR A 236 22.24 17.72 -12.97
N GLY A 237 22.23 16.50 -12.43
CA GLY A 237 23.44 15.74 -12.22
C GLY A 237 23.98 15.81 -10.80
N GLU A 238 23.44 16.69 -9.97
CA GLU A 238 23.93 16.85 -8.61
C GLU A 238 23.71 15.59 -7.80
N GLU A 239 24.67 15.27 -6.93
CA GLU A 239 24.51 14.16 -6.01
C GLU A 239 23.65 14.59 -4.83
N LEU A 240 22.73 13.70 -4.44
CA LEU A 240 21.87 13.93 -3.28
C LEU A 240 22.62 13.58 -2.00
N GLY A 241 22.55 14.47 -1.02
CA GLY A 241 23.13 14.19 0.28
C GLY A 241 22.36 14.87 1.38
N PHE A 242 22.40 14.27 2.57
CA PHE A 242 21.93 14.94 3.76
C PHE A 242 23.00 14.87 4.84
N ASP A 243 22.76 15.60 5.92
CA ASP A 243 23.70 15.65 7.04
C ASP A 243 23.39 14.49 7.96
N TYR A 244 24.23 13.45 7.91
CA TYR A 244 24.12 12.32 8.81
C TYR A 244 24.05 12.76 10.27
N GLY A 245 24.68 13.88 10.60
CA GLY A 245 24.76 14.33 11.97
C GLY A 245 26.05 13.89 12.62
N ASP A 246 26.28 14.44 13.80
CA ASP A 246 27.52 14.17 14.51
C ASP A 246 27.54 12.79 15.17
N ARG A 247 26.38 12.22 15.50
CA ARG A 247 26.36 10.87 16.06
C ARG A 247 27.08 9.88 15.15
N PHE A 248 26.78 9.94 13.85
CA PHE A 248 27.39 9.03 12.88
C PHE A 248 28.89 9.21 12.83
N TRP A 249 29.35 10.47 12.71
CA TRP A 249 30.77 10.76 12.60
C TRP A 249 31.52 10.68 13.91
N ASP A 250 30.81 10.65 15.05
CA ASP A 250 31.50 10.41 16.31
C ASP A 250 31.84 8.94 16.51
N ILE A 251 31.31 8.05 15.68
CA ILE A 251 31.72 6.66 15.70
C ILE A 251 32.39 6.22 14.40
N LYS A 252 32.21 6.94 13.30
CA LYS A 252 32.78 6.55 12.01
C LYS A 252 34.07 7.27 11.64
N SER A 253 34.34 8.44 12.22
CA SER A 253 35.45 9.25 11.73
C SER A 253 36.80 8.60 11.99
N LYS A 254 36.95 7.91 13.13
CA LYS A 254 38.20 7.24 13.44
C LYS A 254 38.55 6.19 12.38
N TYR A 255 37.53 5.60 11.73
CA TYR A 255 37.76 4.65 10.65
C TYR A 255 38.00 5.34 9.32
N PHE A 256 37.01 6.09 8.84
CA PHE A 256 37.11 6.81 7.58
C PHE A 256 36.73 8.27 7.77
N THR A 257 37.46 9.15 7.10
CA THR A 257 37.23 10.58 7.14
C THR A 257 36.37 10.99 5.95
N CYS A 258 35.87 12.23 6.00
CA CYS A 258 34.89 12.69 5.02
C CYS A 258 35.53 12.93 3.65
N GLN A 259 34.68 12.91 2.62
CA GLN A 259 35.13 13.16 1.26
C GLN A 259 34.20 14.10 0.49
N CYS A 260 33.28 14.79 1.15
CA CYS A 260 32.41 15.70 0.41
C CYS A 260 33.22 16.81 -0.23
N GLY A 261 34.20 17.35 0.49
CA GLY A 261 35.05 18.37 -0.07
C GLY A 261 34.43 19.73 -0.22
N SER A 262 33.28 19.97 0.41
CA SER A 262 32.75 21.33 0.42
C SER A 262 33.63 22.22 1.27
N GLU A 263 33.81 23.46 0.82
CA GLU A 263 34.69 24.41 1.51
C GLU A 263 34.37 24.47 3.00
N LYS A 264 33.09 24.35 3.37
CA LYS A 264 32.67 24.30 4.76
C LYS A 264 32.40 22.85 5.16
N CYS A 265 33.49 22.09 5.28
CA CYS A 265 33.43 20.69 5.69
C CYS A 265 33.62 20.58 7.19
N LYS A 266 32.80 19.73 7.83
CA LYS A 266 32.79 19.61 9.28
C LYS A 266 33.57 18.41 9.80
N HIS A 267 33.76 17.36 8.97
CA HIS A 267 34.37 16.12 9.42
C HIS A 267 35.52 15.73 8.50
N SER A 268 36.14 16.71 7.85
CA SER A 268 37.22 16.46 6.92
C SER A 268 38.46 15.95 7.65
N ALA A 269 39.44 15.52 6.86
CA ALA A 269 40.76 15.25 7.41
C ALA A 269 41.36 16.51 8.03
N GLU A 270 41.51 17.56 7.22
CA GLU A 270 42.17 18.78 7.69
C GLU A 270 41.33 19.56 8.70
N ALA A 271 40.00 19.40 8.68
CA ALA A 271 39.15 20.06 9.67
C ALA A 271 39.26 19.42 11.04
N ILE A 272 39.68 18.15 11.10
CA ILE A 272 39.93 17.51 12.39
C ILE A 272 41.18 18.08 13.05
N ALA A 273 42.21 18.35 12.24
CA ALA A 273 43.49 18.82 12.77
C ALA A 273 43.41 20.23 13.33
N LEU A 274 42.51 21.06 12.79
CA LEU A 274 42.38 22.43 13.30
C LEU A 274 41.80 22.43 14.71
N GLU A 275 40.72 21.68 14.92
CA GLU A 275 40.17 21.56 16.26
C GLU A 275 41.10 20.79 17.19
N GLN A 276 41.86 19.83 16.65
CA GLN A 276 42.84 19.11 17.46
C GLN A 276 44.06 19.98 17.76
N SER A 277 44.42 20.89 16.86
CA SER A 277 45.56 21.77 17.12
C SER A 277 45.15 22.97 17.96
N ARG A 278 44.00 23.58 17.66
CA ARG A 278 43.50 24.65 18.51
C ARG A 278 43.26 24.15 19.92
N LEU A 279 42.51 23.06 20.05
CA LEU A 279 42.30 22.43 21.35
C LEU A 279 43.38 21.37 21.61
N ARG B 7 -38.44 7.56 -16.06
CA ARG B 7 -37.58 8.26 -15.12
C ARG B 7 -36.14 8.29 -15.65
N THR B 8 -35.53 9.48 -15.65
CA THR B 8 -34.15 9.59 -16.07
C THR B 8 -33.23 8.87 -15.08
N GLU B 9 -32.07 8.48 -15.56
CA GLU B 9 -31.10 7.75 -14.77
C GLU B 9 -29.95 8.72 -14.42
N LYS B 10 -30.04 9.33 -13.25
CA LYS B 10 -29.21 10.47 -12.89
C LYS B 10 -27.89 10.03 -12.27
N ILE B 11 -26.77 10.52 -12.82
CA ILE B 11 -25.46 10.32 -12.20
C ILE B 11 -25.41 11.15 -10.92
N ILE B 12 -25.17 10.49 -9.79
CA ILE B 12 -25.23 11.16 -8.50
C ILE B 12 -23.90 11.16 -7.74
N CYS B 13 -22.92 10.36 -8.13
CA CYS B 13 -21.59 10.46 -7.54
C CYS B 13 -20.59 10.03 -8.59
N ARG B 14 -19.64 10.90 -8.93
CA ARG B 14 -18.70 10.55 -9.96
C ARG B 14 -17.70 9.49 -9.50
N ASP B 15 -17.53 9.29 -8.17
CA ASP B 15 -16.66 8.22 -7.65
C ASP B 15 -16.90 7.98 -6.16
N VAL B 16 -17.63 6.91 -5.82
CA VAL B 16 -17.84 6.64 -4.40
C VAL B 16 -16.52 6.23 -3.76
N ALA B 17 -15.57 5.75 -4.56
CA ALA B 17 -14.25 5.39 -4.05
C ALA B 17 -13.42 6.60 -3.65
N ARG B 18 -13.89 7.82 -3.92
CA ARG B 18 -13.11 9.03 -3.59
C ARG B 18 -11.66 8.91 -4.06
N GLY B 19 -11.47 8.26 -5.21
CA GLY B 19 -10.16 8.24 -5.84
C GLY B 19 -9.19 7.17 -5.37
N TYR B 20 -9.58 6.34 -4.39
CA TYR B 20 -8.68 5.31 -3.85
C TYR B 20 -8.52 4.10 -4.75
N GLU B 21 -9.35 3.93 -5.77
CA GLU B 21 -9.20 2.80 -6.68
C GLU B 21 -8.50 3.26 -7.95
N ASN B 22 -8.11 2.28 -8.78
CA ASN B 22 -7.44 2.62 -10.03
C ASN B 22 -8.37 3.33 -10.99
N VAL B 23 -9.67 3.05 -10.91
CA VAL B 23 -10.65 3.67 -11.80
C VAL B 23 -11.77 4.24 -10.94
N PRO B 24 -12.50 5.24 -11.44
CA PRO B 24 -13.63 5.76 -10.66
C PRO B 24 -14.80 4.79 -10.67
N ILE B 25 -15.52 4.76 -9.55
CA ILE B 25 -16.75 3.96 -9.45
C ILE B 25 -17.95 4.90 -9.28
N PRO B 26 -18.59 5.30 -10.37
CA PRO B 26 -19.73 6.24 -10.27
C PRO B 26 -21.00 5.58 -9.72
N CYS B 27 -21.89 6.42 -9.20
CA CYS B 27 -23.20 6.01 -8.68
C CYS B 27 -24.34 6.67 -9.45
N VAL B 28 -25.38 5.89 -9.77
CA VAL B 28 -26.56 6.35 -10.49
C VAL B 28 -27.82 5.81 -9.83
N ASN B 29 -28.94 6.48 -10.08
CA ASN B 29 -30.24 5.98 -9.65
C ASN B 29 -31.28 6.47 -10.65
N GLY B 30 -31.81 5.54 -11.45
CA GLY B 30 -32.88 5.88 -12.36
C GLY B 30 -34.14 5.16 -11.97
N VAL B 31 -34.18 4.72 -10.71
CA VAL B 31 -35.26 3.88 -10.21
C VAL B 31 -36.16 4.66 -9.24
N ASP B 32 -35.61 5.15 -8.13
CA ASP B 32 -36.40 5.81 -7.09
C ASP B 32 -35.66 7.08 -6.67
N GLY B 33 -36.05 7.63 -5.52
CA GLY B 33 -35.45 8.82 -4.98
C GLY B 33 -34.40 8.62 -3.89
N GLU B 34 -33.90 7.39 -3.70
CA GLU B 34 -32.88 7.16 -2.69
C GLU B 34 -31.64 7.98 -3.03
N PRO B 35 -31.04 8.68 -2.08
CA PRO B 35 -29.80 9.41 -2.36
C PRO B 35 -28.58 8.50 -2.28
N CYS B 36 -27.42 9.09 -2.53
CA CYS B 36 -26.17 8.34 -2.56
C CYS B 36 -25.90 7.72 -1.19
N PRO B 37 -25.68 6.40 -1.12
CA PRO B 37 -25.49 5.76 0.19
C PRO B 37 -24.29 6.37 0.92
N GLU B 38 -24.47 6.64 2.22
CA GLU B 38 -23.43 7.32 2.98
C GLU B 38 -23.49 7.00 4.47
N ASP B 39 -24.17 5.92 4.85
CA ASP B 39 -24.09 5.37 6.20
C ASP B 39 -22.84 4.51 6.40
N TYR B 40 -21.80 4.72 5.60
CA TYR B 40 -20.62 3.86 5.65
C TYR B 40 -19.38 4.68 5.29
N LYS B 41 -18.22 4.13 5.61
CA LYS B 41 -16.93 4.72 5.25
C LYS B 41 -16.32 3.90 4.12
N TYR B 42 -16.23 4.49 2.93
CA TYR B 42 -15.55 3.80 1.85
C TYR B 42 -14.04 3.70 2.13
N ILE B 43 -13.51 2.48 2.12
CA ILE B 43 -12.08 2.27 2.22
C ILE B 43 -11.65 1.25 1.18
N SER B 44 -10.44 1.44 0.64
CA SER B 44 -9.96 0.59 -0.43
C SER B 44 -9.29 -0.68 0.07
N GLU B 45 -8.70 -0.68 1.25
CA GLU B 45 -8.10 -1.85 1.88
C GLU B 45 -8.70 -2.12 3.26
N ASN B 46 -8.48 -3.35 3.75
CA ASN B 46 -9.05 -3.78 5.02
C ASN B 46 -8.54 -2.94 6.19
N CYS B 47 -9.41 -2.75 7.18
CA CYS B 47 -9.05 -1.96 8.34
C CYS B 47 -9.19 -2.84 9.57
N GLU B 48 -8.55 -2.43 10.66
CA GLU B 48 -8.77 -3.08 11.95
C GLU B 48 -9.19 -2.06 12.98
N THR B 49 -9.96 -2.55 13.95
CA THR B 49 -10.54 -1.77 15.03
C THR B 49 -10.29 -2.41 16.40
N SER B 50 -9.48 -3.47 16.46
CA SER B 50 -9.04 -4.09 17.70
C SER B 50 -7.63 -4.61 17.47
N THR B 51 -7.00 -5.16 18.51
CA THR B 51 -5.64 -5.69 18.36
C THR B 51 -5.69 -6.99 17.56
N MET B 52 -5.00 -7.02 16.41
CA MET B 52 -5.03 -8.15 15.48
C MET B 52 -3.68 -8.82 15.31
N ASN B 53 -2.60 -8.03 15.27
CA ASN B 53 -1.24 -8.49 14.99
C ASN B 53 -1.21 -9.42 13.79
N ILE B 54 -1.51 -8.88 12.60
CA ILE B 54 -1.25 -9.62 11.38
C ILE B 54 0.25 -9.85 11.30
N ASP B 55 0.64 -11.11 11.09
CA ASP B 55 2.04 -11.48 10.95
C ASP B 55 2.63 -10.80 9.73
N ARG B 56 3.33 -9.67 9.94
CA ARG B 56 3.98 -8.97 8.84
C ARG B 56 5.50 -9.17 8.80
N ASN B 57 6.01 -10.18 9.51
CA ASN B 57 7.45 -10.45 9.45
C ASN B 57 7.84 -10.83 8.03
N ILE B 58 8.70 -10.02 7.40
CA ILE B 58 9.10 -10.31 6.03
C ILE B 58 9.88 -11.61 5.94
N THR B 59 10.52 -12.05 7.03
CA THR B 59 11.24 -13.32 6.96
C THR B 59 10.27 -14.51 6.98
N HIS B 60 9.02 -14.30 7.38
CA HIS B 60 8.07 -15.39 7.44
C HIS B 60 7.43 -15.70 6.10
N LEU B 61 7.86 -15.00 5.05
CA LEU B 61 7.19 -15.05 3.76
C LEU B 61 7.83 -16.12 2.88
N GLN B 62 7.05 -17.13 2.54
CA GLN B 62 7.40 -17.99 1.42
C GLN B 62 7.43 -17.17 0.14
N HIS B 63 8.46 -17.40 -0.68
CA HIS B 63 8.74 -16.52 -1.80
C HIS B 63 9.58 -17.26 -2.83
N CYS B 64 9.51 -16.80 -4.07
CA CYS B 64 10.13 -17.49 -5.19
C CYS B 64 11.50 -16.88 -5.51
N THR B 65 12.28 -17.61 -6.31
CA THR B 65 13.60 -17.13 -6.74
C THR B 65 13.67 -16.82 -8.22
N CYS B 66 12.53 -16.82 -8.91
CA CYS B 66 12.45 -16.69 -10.37
C CYS B 66 13.18 -15.46 -10.89
N VAL B 67 13.82 -15.62 -12.05
CA VAL B 67 14.46 -14.51 -12.75
C VAL B 67 13.74 -14.16 -14.05
N ASP B 68 12.59 -14.78 -14.32
CA ASP B 68 11.73 -14.51 -15.46
C ASP B 68 10.49 -13.76 -14.94
N ASP B 69 9.38 -13.84 -15.66
CA ASP B 69 8.16 -13.18 -15.23
C ASP B 69 7.29 -14.07 -14.34
N CYS B 70 7.85 -15.18 -13.84
CA CYS B 70 7.14 -16.14 -13.01
C CYS B 70 6.03 -16.86 -13.76
N SER B 71 6.15 -16.96 -15.08
CA SER B 71 5.26 -17.80 -15.86
C SER B 71 5.71 -19.27 -15.93
N SER B 72 6.74 -19.67 -15.19
CA SER B 72 7.19 -21.05 -15.26
C SER B 72 6.60 -21.84 -14.11
N SER B 73 6.49 -23.16 -14.31
CA SER B 73 5.94 -24.01 -13.25
C SER B 73 6.94 -24.24 -12.12
N ASN B 74 8.12 -23.63 -12.22
CA ASN B 74 9.14 -23.75 -11.21
C ASN B 74 9.03 -22.65 -10.16
N CYS B 75 8.25 -21.61 -10.45
CA CYS B 75 7.99 -20.56 -9.47
C CYS B 75 7.44 -21.18 -8.19
N LEU B 76 8.07 -20.87 -7.05
CA LEU B 76 7.63 -21.47 -5.79
C LEU B 76 6.26 -20.92 -5.38
N CYS B 77 6.05 -19.64 -5.57
CA CYS B 77 4.76 -19.02 -5.31
C CYS B 77 3.65 -19.79 -6.00
N GLY B 78 3.85 -20.15 -7.26
CA GLY B 78 2.84 -20.88 -8.00
C GLY B 78 2.57 -22.24 -7.39
N GLN B 79 3.63 -23.00 -7.09
CA GLN B 79 3.46 -24.36 -6.60
C GLN B 79 2.73 -24.38 -5.27
N LEU B 80 3.00 -23.39 -4.41
CA LEU B 80 2.17 -23.18 -3.24
C LEU B 80 0.69 -23.19 -3.60
N SER B 81 0.34 -22.48 -4.68
CA SER B 81 -1.03 -22.33 -5.17
C SER B 81 -1.49 -23.55 -5.94
N ILE B 82 -0.82 -24.69 -5.78
CA ILE B 82 -0.87 -25.85 -6.67
C ILE B 82 -0.14 -25.54 -7.97
N ARG B 83 -0.52 -24.42 -8.58
CA ARG B 83 0.07 -23.81 -9.77
C ARG B 83 -0.48 -22.39 -9.84
N CYS B 84 0.16 -21.55 -10.64
CA CYS B 84 -0.39 -20.22 -10.88
C CYS B 84 -1.61 -20.35 -11.81
N TRP B 85 -2.79 -20.00 -11.29
CA TRP B 85 -4.04 -20.17 -12.02
C TRP B 85 -4.35 -19.01 -12.92
N TYR B 86 -3.35 -18.18 -13.18
CA TYR B 86 -3.51 -16.99 -14.01
C TYR B 86 -2.93 -17.26 -15.39
N ASP B 87 -3.65 -16.89 -16.43
CA ASP B 87 -3.13 -16.99 -17.77
C ASP B 87 -2.30 -15.76 -18.09
N LYS B 88 -1.95 -15.64 -19.38
CA LYS B 88 -1.03 -14.61 -19.85
C LYS B 88 -1.56 -13.21 -19.55
N ASP B 89 -2.88 -13.04 -19.63
CA ASP B 89 -3.54 -11.75 -19.48
C ASP B 89 -4.06 -11.52 -18.06
N GLY B 90 -3.63 -12.34 -17.10
CA GLY B 90 -4.07 -12.12 -15.76
C GLY B 90 -5.39 -12.74 -15.40
N ARG B 91 -5.95 -13.58 -16.25
CA ARG B 91 -7.27 -14.14 -16.00
C ARG B 91 -7.19 -15.56 -15.45
N LEU B 92 -8.18 -15.89 -14.63
CA LEU B 92 -8.20 -17.10 -13.83
C LEU B 92 -8.58 -18.29 -14.71
N LEU B 93 -7.65 -19.26 -14.84
CA LEU B 93 -7.75 -20.35 -15.80
C LEU B 93 -9.10 -21.05 -15.74
N GLN B 94 -9.55 -21.52 -16.92
CA GLN B 94 -10.87 -22.14 -17.00
C GLN B 94 -10.95 -23.43 -16.19
N GLU B 95 -9.82 -24.13 -16.04
CA GLU B 95 -9.79 -25.38 -15.30
C GLU B 95 -9.80 -25.18 -13.79
N PHE B 96 -9.67 -23.94 -13.34
CA PHE B 96 -9.75 -23.60 -11.92
C PHE B 96 -10.96 -24.26 -11.28
N ASN B 97 -10.71 -25.06 -10.25
CA ASN B 97 -11.78 -25.72 -9.50
C ASN B 97 -12.68 -24.65 -8.89
N LYS B 98 -13.58 -24.09 -9.70
CA LYS B 98 -14.33 -22.89 -9.34
C LYS B 98 -15.49 -23.17 -8.37
N ILE B 99 -15.46 -24.30 -7.65
CA ILE B 99 -16.41 -24.56 -6.58
C ILE B 99 -15.62 -25.03 -5.36
N GLU B 100 -14.45 -25.62 -5.59
CA GLU B 100 -13.51 -25.99 -4.53
C GLU B 100 -12.17 -25.32 -4.80
N PRO B 101 -12.11 -23.99 -4.68
CA PRO B 101 -10.90 -23.27 -5.10
C PRO B 101 -9.86 -23.23 -4.01
N PRO B 102 -8.61 -23.57 -4.32
CA PRO B 102 -7.55 -23.57 -3.31
C PRO B 102 -6.98 -22.18 -3.11
N LEU B 103 -6.32 -22.00 -1.96
CA LEU B 103 -5.61 -20.76 -1.66
C LEU B 103 -4.67 -20.40 -2.80
N ILE B 104 -4.64 -19.12 -3.16
CA ILE B 104 -3.66 -18.58 -4.11
C ILE B 104 -2.68 -17.72 -3.33
N PHE B 105 -1.39 -18.05 -3.43
CA PHE B 105 -0.31 -17.21 -2.91
C PHE B 105 0.27 -16.44 -4.09
N GLU B 106 0.11 -15.12 -4.07
CA GLU B 106 0.73 -14.30 -5.10
C GLU B 106 2.16 -13.97 -4.68
N CYS B 107 2.96 -13.49 -5.64
CA CYS B 107 4.32 -13.13 -5.29
C CYS B 107 4.31 -11.90 -4.38
N ASN B 108 5.43 -11.64 -3.71
CA ASN B 108 5.36 -10.65 -2.67
C ASN B 108 6.66 -9.85 -2.65
N GLN B 109 6.86 -9.10 -1.57
CA GLN B 109 8.03 -8.23 -1.52
C GLN B 109 9.30 -9.00 -1.18
N ALA B 110 9.19 -10.25 -0.75
CA ALA B 110 10.35 -11.09 -0.53
C ALA B 110 10.84 -11.76 -1.81
N CYS B 111 9.97 -11.89 -2.82
CA CYS B 111 10.34 -12.60 -4.04
C CYS B 111 11.44 -11.84 -4.78
N SER B 112 12.24 -12.58 -5.54
CA SER B 112 13.21 -11.89 -6.38
C SER B 112 12.59 -11.29 -7.64
N CYS B 113 11.40 -11.72 -8.03
CA CYS B 113 10.78 -11.28 -9.27
C CYS B 113 10.39 -9.81 -9.22
N TRP B 114 10.00 -9.30 -10.38
CA TRP B 114 9.62 -7.90 -10.52
C TRP B 114 8.14 -7.72 -10.20
N ARG B 115 7.78 -6.49 -9.82
CA ARG B 115 6.40 -6.13 -9.42
C ARG B 115 5.38 -6.39 -10.52
N ASN B 116 5.83 -6.57 -11.76
CA ASN B 116 4.97 -6.79 -12.92
C ASN B 116 4.92 -8.25 -13.34
N CYS B 117 5.21 -9.17 -12.43
CA CYS B 117 5.28 -10.57 -12.80
C CYS B 117 3.88 -11.11 -13.06
N LYS B 118 3.80 -12.26 -13.71
CA LYS B 118 2.50 -12.84 -14.01
C LYS B 118 1.71 -13.27 -12.78
N ASN B 119 2.20 -13.05 -11.57
CA ASN B 119 1.59 -13.67 -10.38
C ASN B 119 1.23 -12.60 -9.35
N ARG B 120 0.52 -11.57 -9.82
CA ARG B 120 0.29 -10.35 -9.05
C ARG B 120 -1.01 -9.68 -9.48
N VAL B 121 -2.03 -10.49 -9.82
CA VAL B 121 -3.28 -9.94 -10.32
C VAL B 121 -4.01 -9.18 -9.22
N VAL B 122 -4.35 -9.88 -8.13
CA VAL B 122 -5.21 -9.26 -7.14
C VAL B 122 -4.53 -8.04 -6.53
N GLN B 123 -3.21 -8.13 -6.29
CA GLN B 123 -2.54 -7.00 -5.66
C GLN B 123 -2.50 -5.75 -6.54
N SER B 124 -2.93 -5.84 -7.80
CA SER B 124 -2.78 -4.73 -8.74
C SER B 124 -4.04 -3.87 -8.85
N GLY B 125 -5.12 -4.21 -8.15
CA GLY B 125 -6.26 -3.32 -8.04
C GLY B 125 -7.32 -3.56 -9.10
N ILE B 126 -8.44 -2.85 -8.93
CA ILE B 126 -9.54 -2.91 -9.89
C ILE B 126 -9.07 -2.42 -11.25
N LYS B 127 -9.46 -3.13 -12.30
CA LYS B 127 -9.22 -2.68 -13.67
C LYS B 127 -10.49 -2.42 -14.46
N VAL B 128 -11.57 -3.15 -14.22
CA VAL B 128 -12.81 -2.97 -14.98
C VAL B 128 -13.54 -1.74 -14.46
N ARG B 129 -14.32 -1.13 -15.35
CA ARG B 129 -15.16 0.01 -14.99
C ARG B 129 -16.47 -0.55 -14.43
N LEU B 130 -16.67 -0.39 -13.13
CA LEU B 130 -17.89 -0.83 -12.46
C LEU B 130 -18.79 0.36 -12.21
N GLN B 131 -20.01 0.08 -11.74
CA GLN B 131 -20.99 1.13 -11.43
C GLN B 131 -21.94 0.67 -10.32
N LEU B 132 -22.09 1.51 -9.29
CA LEU B 132 -23.09 1.30 -8.25
C LEU B 132 -24.42 1.88 -8.74
N TYR B 133 -25.47 1.07 -8.76
CA TYR B 133 -26.76 1.53 -9.32
C TYR B 133 -27.92 1.06 -8.47
N ARG B 134 -29.07 1.73 -8.63
CA ARG B 134 -30.27 1.35 -7.89
C ARG B 134 -30.95 0.20 -8.60
N THR B 135 -31.28 -0.85 -7.86
CA THR B 135 -31.94 -2.03 -8.42
C THR B 135 -33.43 -1.98 -8.17
N ALA B 136 -34.15 -2.81 -8.90
CA ALA B 136 -35.60 -2.80 -8.87
C ALA B 136 -36.14 -3.26 -7.52
N LYS B 137 -35.60 -4.37 -6.99
CA LYS B 137 -36.19 -4.94 -5.78
C LYS B 137 -35.14 -5.35 -4.75
N MET B 138 -33.92 -4.83 -4.84
CA MET B 138 -32.82 -5.28 -3.98
C MET B 138 -32.03 -4.14 -3.36
N GLY B 139 -32.48 -2.89 -3.49
CA GLY B 139 -31.67 -1.78 -3.06
C GLY B 139 -30.54 -1.45 -4.03
N TRP B 140 -29.39 -1.05 -3.50
CA TRP B 140 -28.28 -0.75 -4.38
C TRP B 140 -27.64 -2.04 -4.89
N GLY B 141 -26.91 -1.93 -5.99
CA GLY B 141 -26.16 -3.05 -6.52
C GLY B 141 -25.00 -2.56 -7.35
N VAL B 142 -24.24 -3.52 -7.86
CA VAL B 142 -23.07 -3.23 -8.70
C VAL B 142 -23.27 -3.92 -10.04
N ARG B 143 -23.01 -3.20 -11.12
CA ARG B 143 -23.11 -3.78 -12.45
C ARG B 143 -21.91 -3.34 -13.27
N ALA B 144 -21.68 -4.07 -14.36
CA ALA B 144 -20.53 -3.84 -15.20
C ALA B 144 -20.84 -2.83 -16.29
N LEU B 145 -19.90 -1.91 -16.53
CA LEU B 145 -19.98 -0.94 -17.60
C LEU B 145 -19.23 -1.37 -18.86
N GLN B 146 -18.62 -2.55 -18.87
CA GLN B 146 -17.98 -3.13 -20.04
C GLN B 146 -18.31 -4.61 -20.12
N THR B 147 -17.95 -5.23 -21.23
CA THR B 147 -17.94 -6.69 -21.27
C THR B 147 -16.74 -7.19 -20.46
N ILE B 148 -16.95 -8.26 -19.69
CA ILE B 148 -15.93 -8.82 -18.82
C ILE B 148 -15.74 -10.29 -19.19
N PRO B 149 -14.59 -10.67 -19.75
CA PRO B 149 -14.37 -12.09 -20.04
C PRO B 149 -14.36 -12.89 -18.76
N GLN B 150 -14.79 -14.14 -18.86
CA GLN B 150 -14.73 -15.04 -17.71
C GLN B 150 -13.34 -15.03 -17.08
N GLY B 151 -13.32 -15.22 -15.74
CA GLY B 151 -12.10 -15.42 -15.00
C GLY B 151 -11.30 -14.17 -14.73
N THR B 152 -11.86 -13.01 -15.07
CA THR B 152 -11.27 -11.71 -14.79
C THR B 152 -11.47 -11.34 -13.32
N PHE B 153 -10.48 -10.66 -12.75
CA PHE B 153 -10.62 -10.15 -11.40
C PHE B 153 -11.55 -8.94 -11.38
N ILE B 154 -12.44 -8.90 -10.39
CA ILE B 154 -13.43 -7.83 -10.31
C ILE B 154 -12.98 -6.80 -9.27
N CYS B 155 -13.02 -7.19 -8.01
CA CYS B 155 -12.69 -6.33 -6.89
C CYS B 155 -12.51 -7.24 -5.69
N GLU B 156 -12.11 -6.65 -4.58
CA GLU B 156 -11.86 -7.39 -3.34
C GLU B 156 -12.95 -7.10 -2.31
N TYR B 157 -13.39 -8.13 -1.58
CA TYR B 157 -14.33 -7.91 -0.46
C TYR B 157 -13.58 -7.25 0.69
N VAL B 158 -13.69 -5.91 0.78
CA VAL B 158 -12.93 -5.11 1.73
C VAL B 158 -13.83 -4.67 2.88
N GLY B 159 -13.25 -4.62 4.08
CA GLY B 159 -13.95 -4.09 5.23
C GLY B 159 -13.15 -4.18 6.51
N GLU B 160 -13.88 -4.34 7.62
CA GLU B 160 -13.32 -4.28 8.96
C GLU B 160 -13.01 -5.70 9.41
N LEU B 161 -11.74 -5.95 9.71
CA LEU B 161 -11.34 -7.29 10.16
C LEU B 161 -11.74 -7.48 11.61
N ILE B 162 -12.59 -8.47 11.86
CA ILE B 162 -13.12 -8.75 13.20
C ILE B 162 -13.07 -10.24 13.46
N SER B 163 -13.23 -10.61 14.73
CA SER B 163 -13.08 -11.99 15.15
C SER B 163 -14.40 -12.74 15.04
N ASP B 164 -14.30 -14.07 15.05
CA ASP B 164 -15.51 -14.89 15.04
C ASP B 164 -16.42 -14.53 16.21
N ALA B 165 -15.81 -14.25 17.36
CA ALA B 165 -16.58 -13.82 18.54
C ALA B 165 -17.27 -12.48 18.30
N GLU B 166 -16.55 -11.51 17.72
CA GLU B 166 -17.12 -10.21 17.45
C GLU B 166 -18.26 -10.29 16.43
N ALA B 167 -18.22 -11.29 15.54
CA ALA B 167 -19.29 -11.44 14.56
C ALA B 167 -20.56 -11.97 15.20
N ASP B 168 -20.42 -12.85 16.20
CA ASP B 168 -21.55 -13.33 16.99
C ASP B 168 -22.31 -12.19 17.64
N VAL B 169 -21.61 -11.12 18.00
CA VAL B 169 -22.22 -10.06 18.79
C VAL B 169 -22.97 -9.05 17.92
N ARG B 170 -22.58 -8.91 16.66
CA ARG B 170 -23.05 -7.80 15.85
C ARG B 170 -24.47 -8.04 15.36
N GLU B 171 -25.34 -7.05 15.60
CA GLU B 171 -26.76 -7.18 15.31
C GLU B 171 -27.08 -6.98 13.83
N ASP B 172 -26.20 -6.33 13.09
CA ASP B 172 -26.39 -6.08 11.65
C ASP B 172 -25.38 -6.94 10.89
N ASP B 173 -25.83 -8.12 10.49
CA ASP B 173 -25.01 -9.06 9.73
C ASP B 173 -25.36 -9.08 8.25
N SER B 174 -25.77 -7.94 7.71
CA SER B 174 -26.09 -7.87 6.30
C SER B 174 -24.85 -7.71 5.42
N TYR B 175 -23.67 -7.51 6.01
CA TYR B 175 -22.44 -7.24 5.27
C TYR B 175 -21.27 -8.07 5.80
N LEU B 176 -21.56 -9.22 6.37
CA LEU B 176 -20.57 -9.99 7.12
C LEU B 176 -20.10 -11.15 6.26
N PHE B 177 -18.83 -11.12 5.88
CA PHE B 177 -18.21 -12.19 5.12
C PHE B 177 -17.42 -13.07 6.07
N ASP B 178 -17.67 -14.37 6.01
CA ASP B 178 -16.99 -15.33 6.87
C ASP B 178 -15.79 -15.88 6.10
N LEU B 179 -14.58 -15.50 6.53
CA LEU B 179 -13.39 -16.02 5.86
C LEU B 179 -13.29 -17.53 6.00
N ASP B 180 -13.71 -18.07 7.15
CA ASP B 180 -13.80 -19.51 7.42
C ASP B 180 -12.42 -20.16 7.57
N ASN B 181 -11.63 -19.67 8.53
CA ASN B 181 -10.26 -20.12 8.69
C ASN B 181 -10.21 -21.59 9.11
N LYS B 182 -9.64 -22.44 8.25
CA LYS B 182 -9.49 -23.85 8.59
C LYS B 182 -8.46 -24.03 9.71
N ASP B 183 -7.41 -23.22 9.72
CA ASP B 183 -6.41 -23.28 10.77
C ASP B 183 -6.80 -22.30 11.87
N GLY B 184 -6.92 -22.82 13.10
CA GLY B 184 -7.33 -21.98 14.20
C GLY B 184 -8.77 -21.48 14.04
N GLU B 185 -9.00 -20.27 14.56
CA GLU B 185 -10.34 -19.72 14.64
C GLU B 185 -10.72 -18.98 13.37
N VAL B 186 -12.01 -19.05 13.04
CA VAL B 186 -12.57 -18.26 11.95
C VAL B 186 -12.36 -16.78 12.21
N TYR B 187 -12.01 -16.03 11.17
CA TYR B 187 -12.09 -14.58 11.17
C TYR B 187 -13.08 -14.14 10.10
N CYS B 188 -13.46 -12.87 10.15
CA CYS B 188 -14.54 -12.38 9.31
C CYS B 188 -14.26 -10.96 8.86
N ILE B 189 -14.99 -10.54 7.82
CA ILE B 189 -14.94 -9.19 7.29
C ILE B 189 -16.34 -8.61 7.36
N ASP B 190 -16.49 -7.55 8.12
CA ASP B 190 -17.73 -6.83 8.25
C ASP B 190 -17.57 -5.52 7.52
N ALA B 191 -18.28 -5.36 6.41
CA ALA B 191 -18.21 -4.12 5.66
C ALA B 191 -19.41 -3.20 5.93
N ARG B 192 -19.99 -3.27 7.14
CA ARG B 192 -21.15 -2.45 7.50
C ARG B 192 -20.76 -1.01 7.82
N TYR B 193 -19.66 -0.79 8.54
CA TYR B 193 -19.22 0.57 8.82
C TYR B 193 -18.02 0.98 7.98
N TYR B 194 -17.11 0.07 7.71
CA TYR B 194 -16.02 0.30 6.77
C TYR B 194 -16.10 -0.78 5.71
N GLY B 195 -16.09 -0.37 4.44
CA GLY B 195 -16.18 -1.32 3.34
C GLY B 195 -15.89 -0.63 2.01
N ASN B 196 -15.89 -1.44 0.95
CA ASN B 196 -15.61 -0.96 -0.39
C ASN B 196 -16.80 -1.28 -1.29
N ILE B 197 -16.59 -1.17 -2.61
CA ILE B 197 -17.66 -1.42 -3.57
C ILE B 197 -18.28 -2.81 -3.40
N SER B 198 -17.51 -3.79 -2.86
CA SER B 198 -17.99 -5.17 -2.69
C SER B 198 -19.20 -5.27 -1.76
N ARG B 199 -19.31 -4.39 -0.77
CA ARG B 199 -20.44 -4.46 0.16
C ARG B 199 -21.77 -4.28 -0.56
N PHE B 200 -21.77 -3.76 -1.78
CA PHE B 200 -23.02 -3.44 -2.48
C PHE B 200 -23.47 -4.54 -3.43
N ILE B 201 -22.70 -5.62 -3.54
CA ILE B 201 -23.02 -6.72 -4.45
C ILE B 201 -24.10 -7.59 -3.86
N ASN B 202 -25.16 -7.83 -4.62
CA ASN B 202 -26.26 -8.64 -4.14
C ASN B 202 -25.99 -10.13 -4.33
N HIS B 203 -26.86 -10.96 -3.76
CA HIS B 203 -26.79 -12.40 -3.88
C HIS B 203 -27.56 -12.85 -5.11
N LEU B 204 -26.95 -13.69 -5.94
CA LEU B 204 -27.65 -14.25 -7.09
C LEU B 204 -27.65 -15.76 -7.01
N CYS B 205 -28.85 -16.35 -7.12
CA CYS B 205 -28.93 -17.80 -7.26
C CYS B 205 -28.28 -18.29 -8.56
N ASP B 206 -28.14 -17.42 -9.56
CA ASP B 206 -27.37 -17.70 -10.78
C ASP B 206 -26.21 -16.72 -10.81
N PRO B 207 -25.21 -16.91 -9.96
CA PRO B 207 -24.17 -15.90 -9.81
C PRO B 207 -23.28 -15.84 -11.04
N ASN B 208 -22.54 -14.73 -11.13
CA ASN B 208 -21.58 -14.53 -12.21
C ASN B 208 -20.17 -14.21 -11.71
N ILE B 209 -19.95 -14.09 -10.41
CA ILE B 209 -18.63 -13.90 -9.82
C ILE B 209 -18.47 -14.91 -8.69
N ILE B 210 -17.22 -15.30 -8.42
CA ILE B 210 -16.93 -16.22 -7.32
C ILE B 210 -15.85 -15.67 -6.41
N PRO B 211 -15.89 -15.98 -5.11
CA PRO B 211 -14.84 -15.54 -4.19
C PRO B 211 -13.70 -16.54 -4.07
N VAL B 212 -12.48 -16.03 -4.03
CA VAL B 212 -11.28 -16.83 -3.88
C VAL B 212 -10.44 -16.26 -2.74
N ARG B 213 -9.95 -17.14 -1.87
CA ARG B 213 -9.03 -16.70 -0.82
C ARG B 213 -7.63 -16.50 -1.41
N VAL B 214 -6.99 -15.37 -1.07
CA VAL B 214 -5.72 -14.96 -1.67
C VAL B 214 -4.76 -14.44 -0.61
N PHE B 215 -3.46 -14.68 -0.82
CA PHE B 215 -2.40 -14.11 0.01
C PHE B 215 -1.42 -13.31 -0.84
N MET B 216 -1.02 -12.15 -0.32
CA MET B 216 -0.17 -11.27 -1.09
C MET B 216 0.95 -10.73 -0.22
N LEU B 217 0.71 -9.62 0.47
CA LEU B 217 1.82 -9.00 1.16
C LEU B 217 2.09 -9.63 2.52
N HIS B 218 1.18 -10.48 3.00
CA HIS B 218 1.43 -11.31 4.16
C HIS B 218 0.87 -12.69 3.87
N GLN B 219 1.17 -13.63 4.77
CA GLN B 219 0.74 -15.03 4.69
C GLN B 219 0.22 -15.50 6.04
N ASP B 220 -0.28 -14.56 6.84
CA ASP B 220 -0.97 -14.89 8.08
C ASP B 220 -2.31 -15.55 7.74
N LEU B 221 -2.43 -16.84 8.08
CA LEU B 221 -3.55 -17.64 7.58
C LEU B 221 -4.90 -17.25 8.17
N ARG B 222 -4.92 -16.50 9.27
CA ARG B 222 -6.20 -16.01 9.79
C ARG B 222 -6.79 -14.91 8.94
N PHE B 223 -6.02 -14.38 7.99
CA PHE B 223 -6.42 -13.22 7.21
C PHE B 223 -6.20 -13.42 5.73
N PRO B 224 -6.82 -14.45 5.14
CA PRO B 224 -6.88 -14.47 3.68
C PRO B 224 -7.70 -13.26 3.24
N ARG B 225 -7.44 -12.82 2.02
CA ARG B 225 -8.18 -11.75 1.40
C ARG B 225 -9.08 -12.33 0.32
N ILE B 226 -10.29 -11.80 0.21
CA ILE B 226 -11.31 -12.34 -0.67
C ILE B 226 -11.21 -11.62 -2.01
N ALA B 227 -11.04 -12.39 -3.07
CA ALA B 227 -10.99 -11.88 -4.43
C ALA B 227 -12.16 -12.43 -5.23
N PHE B 228 -12.85 -11.56 -5.97
CA PHE B 228 -13.96 -11.97 -6.83
C PHE B 228 -13.49 -12.03 -8.28
N PHE B 229 -13.81 -13.14 -8.95
CA PHE B 229 -13.51 -13.33 -10.37
C PHE B 229 -14.80 -13.71 -11.10
N SER B 230 -14.91 -13.31 -12.36
CA SER B 230 -16.10 -13.69 -13.12
C SER B 230 -16.11 -15.19 -13.33
N SER B 231 -17.24 -15.81 -13.00
CA SER B 231 -17.46 -17.22 -13.29
C SER B 231 -17.75 -17.48 -14.76
N ARG B 232 -18.09 -16.44 -15.52
CA ARG B 232 -18.48 -16.55 -16.91
C ARG B 232 -18.19 -15.21 -17.57
N ASP B 233 -18.31 -15.18 -18.90
CA ASP B 233 -18.30 -13.91 -19.60
C ASP B 233 -19.48 -13.10 -19.12
N ILE B 234 -19.31 -11.79 -18.98
CA ILE B 234 -20.34 -10.91 -18.43
C ILE B 234 -20.59 -9.76 -19.41
N ARG B 235 -21.86 -9.58 -19.79
CA ARG B 235 -22.23 -8.52 -20.72
C ARG B 235 -22.22 -7.17 -20.02
N THR B 236 -22.21 -6.10 -20.82
CA THR B 236 -22.21 -4.75 -20.28
C THR B 236 -23.58 -4.42 -19.68
N GLY B 237 -23.57 -3.81 -18.50
CA GLY B 237 -24.80 -3.47 -17.80
C GLY B 237 -25.32 -4.56 -16.89
N GLU B 238 -24.72 -5.74 -16.89
CA GLU B 238 -25.30 -6.89 -16.23
C GLU B 238 -24.88 -6.94 -14.76
N GLU B 239 -25.78 -7.44 -13.91
CA GLU B 239 -25.59 -7.30 -12.47
C GLU B 239 -24.60 -8.34 -11.94
N LEU B 240 -23.56 -7.85 -11.27
CA LEU B 240 -22.69 -8.73 -10.53
C LEU B 240 -23.37 -9.26 -9.29
N GLY B 241 -23.12 -10.52 -8.99
CA GLY B 241 -23.64 -11.10 -7.77
C GLY B 241 -22.95 -12.41 -7.52
N PHE B 242 -22.79 -12.78 -6.25
CA PHE B 242 -22.23 -14.07 -5.88
C PHE B 242 -23.21 -14.79 -4.97
N ASP B 243 -23.06 -16.12 -4.90
CA ASP B 243 -23.90 -16.92 -4.00
C ASP B 243 -23.46 -16.67 -2.56
N TYR B 244 -24.24 -15.87 -1.85
CA TYR B 244 -24.04 -15.61 -0.43
C TYR B 244 -23.95 -16.89 0.38
N GLY B 245 -24.61 -17.94 -0.07
CA GLY B 245 -24.54 -19.22 0.61
C GLY B 245 -25.82 -19.55 1.35
N ASP B 246 -25.83 -20.77 1.90
CA ASP B 246 -26.99 -21.26 2.65
C ASP B 246 -26.95 -20.87 4.12
N ARG B 247 -25.80 -20.46 4.64
CA ARG B 247 -25.77 -19.98 6.03
C ARG B 247 -26.40 -18.61 6.12
N PHE B 248 -26.17 -17.76 5.13
CA PHE B 248 -26.79 -16.44 5.10
C PHE B 248 -28.31 -16.56 5.05
N TRP B 249 -28.82 -17.50 4.26
CA TRP B 249 -30.24 -17.59 3.99
C TRP B 249 -31.01 -18.41 5.02
N ASP B 250 -30.35 -19.27 5.81
CA ASP B 250 -31.06 -19.81 6.95
C ASP B 250 -31.20 -18.77 8.05
N ILE B 251 -30.34 -17.76 8.06
CA ILE B 251 -30.47 -16.64 8.99
C ILE B 251 -31.55 -15.66 8.51
N LYS B 252 -31.36 -15.08 7.33
CA LYS B 252 -32.23 -14.02 6.82
C LYS B 252 -33.46 -14.60 6.14
N SER B 253 -33.89 -15.78 6.57
CA SER B 253 -35.12 -16.36 6.05
C SER B 253 -36.36 -15.87 6.79
N LYS B 254 -36.19 -15.45 8.04
CA LYS B 254 -37.31 -14.89 8.79
C LYS B 254 -37.60 -13.45 8.42
N TYR B 255 -36.73 -12.79 7.65
CA TYR B 255 -36.80 -11.35 7.44
C TYR B 255 -37.17 -11.02 5.99
N PHE B 256 -36.27 -11.23 5.04
CA PHE B 256 -36.63 -11.04 3.64
C PHE B 256 -36.41 -12.34 2.87
N THR B 257 -36.79 -12.34 1.61
CA THR B 257 -36.57 -13.48 0.73
C THR B 257 -35.84 -13.03 -0.52
N CYS B 258 -35.19 -13.98 -1.18
CA CYS B 258 -34.44 -13.67 -2.39
C CYS B 258 -35.37 -13.14 -3.47
N GLN B 259 -34.93 -12.05 -4.12
CA GLN B 259 -35.67 -11.43 -5.21
C GLN B 259 -34.93 -11.51 -6.53
N CYS B 260 -33.99 -12.46 -6.66
CA CYS B 260 -33.15 -12.48 -7.84
C CYS B 260 -33.93 -12.83 -9.09
N GLY B 261 -35.04 -13.55 -8.95
CA GLY B 261 -35.85 -13.95 -10.09
C GLY B 261 -35.42 -15.19 -10.83
N SER B 262 -34.22 -15.72 -10.57
CA SER B 262 -33.68 -16.84 -11.35
C SER B 262 -34.64 -18.01 -11.41
N GLU B 263 -34.74 -18.64 -12.58
CA GLU B 263 -35.58 -19.82 -12.74
C GLU B 263 -35.10 -20.99 -11.89
N LYS B 264 -33.91 -20.88 -11.31
CA LYS B 264 -33.37 -21.86 -10.38
C LYS B 264 -33.16 -21.23 -9.00
N CYS B 265 -34.02 -20.31 -8.60
CA CYS B 265 -33.83 -19.59 -7.34
C CYS B 265 -34.16 -20.50 -6.17
N LYS B 266 -33.24 -20.53 -5.20
CA LYS B 266 -33.34 -21.41 -4.05
C LYS B 266 -33.99 -20.73 -2.86
N HIS B 267 -33.97 -19.40 -2.81
CA HIS B 267 -34.37 -18.68 -1.61
C HIS B 267 -35.52 -17.70 -1.85
N SER B 268 -36.35 -17.92 -2.86
CA SER B 268 -37.56 -17.13 -3.02
C SER B 268 -38.64 -17.67 -2.10
N ALA B 269 -39.57 -16.77 -1.71
CA ALA B 269 -40.68 -17.17 -0.84
C ALA B 269 -41.38 -18.42 -1.35
N GLU B 270 -41.57 -18.51 -2.67
CA GLU B 270 -42.18 -19.70 -3.26
C GLU B 270 -41.34 -20.94 -2.99
N ALA B 271 -40.02 -20.84 -3.15
CA ALA B 271 -39.15 -22.00 -2.94
C ALA B 271 -39.25 -22.50 -1.51
N ILE B 272 -39.21 -21.59 -0.53
CA ILE B 272 -39.33 -21.98 0.87
C ILE B 272 -40.68 -22.62 1.14
N ALA B 273 -41.77 -21.96 0.73
CA ALA B 273 -43.11 -22.49 1.00
C ALA B 273 -43.35 -23.82 0.30
N LEU B 274 -42.74 -24.03 -0.87
CA LEU B 274 -42.80 -25.33 -1.52
C LEU B 274 -41.90 -26.37 -0.84
N GLU B 275 -40.88 -25.92 -0.10
CA GLU B 275 -40.02 -26.84 0.63
C GLU B 275 -40.64 -27.33 1.93
N GLN B 276 -41.62 -26.60 2.48
CA GLN B 276 -42.24 -26.98 3.74
C GLN B 276 -43.30 -28.06 3.58
N SER B 277 -43.43 -28.67 2.40
CA SER B 277 -44.38 -29.75 2.18
C SER B 277 -43.65 -31.09 2.00
#